data_4UEZ
#
_entry.id   4UEZ
#
_cell.length_a   45.989
_cell.length_b   84.143
_cell.length_c   158.005
_cell.angle_alpha   90.00
_cell.angle_beta   90.00
_cell.angle_gamma   90.00
#
_symmetry.space_group_name_H-M   'P 21 21 21'
#
loop_
_entity.id
_entity.type
_entity.pdbx_description
1 polymer 'HUMAN CARBOXYPEPTIDASE A1'
2 non-polymer 'ZINC ION'
3 non-polymer '(2S)-3-[(R)-{(1R)-1-[(N-acetyl-L-leucyl)amino]-2-phenylethyl}(hydroxy)phosphoryl]-2-benzylpropanoic acid'
4 water water
#
_entity_poly.entity_id   1
_entity_poly.type   'polypeptide(L)'
_entity_poly.pdbx_seq_one_letter_code
;ARSTDTFNYATYHTLEEIYDFLDLLVAENPHLVSKIQIGNTYEGRPIYVLKFSTGGSKRPAIWIDTGIHSREWVTQASGV
WFAKKITQDYGQDAAFTAILDTLDIFLEIVTNPDGFAFTHSTNRMWRKTRSHTAGSLCIGVDPNRNWDAGFGLSGASSNP
CSETYHGKFANSEVEVKSIVDFVKDHGNIKAFISIHSYSQLLMYPYGYKTEPVPDQDELDQLSKAAVTALASLYGTKFNY
GSIIKAIYQASGSTIDWTYSQGIKYSFTFELRDTGRYGFLLPASQIIPTAKETWLALLTIMEHTLNHPY
;
_entity_poly.pdbx_strand_id   A,B
#
# COMPACT_ATOMS: atom_id res chain seq x y z
N SER A 3 35.38 -2.66 6.79
CA SER A 3 35.59 -1.37 6.08
C SER A 3 34.59 -1.37 4.95
N THR A 4 34.60 -0.38 4.06
CA THR A 4 33.60 -0.41 3.00
C THR A 4 33.89 -1.48 1.93
N ASP A 5 35.11 -1.98 1.90
CA ASP A 5 35.51 -3.03 1.00
C ASP A 5 34.95 -4.36 1.50
N THR A 6 34.63 -4.47 2.76
CA THR A 6 34.18 -5.74 3.29
C THR A 6 32.67 -5.69 3.57
N PHE A 7 32.05 -4.58 3.26
CA PHE A 7 30.63 -4.38 3.57
C PHE A 7 29.79 -5.28 2.65
N ASN A 8 28.66 -5.81 3.13
CA ASN A 8 27.80 -6.60 2.25
C ASN A 8 26.77 -5.72 1.55
N TYR A 9 26.98 -5.51 0.24
CA TYR A 9 26.09 -4.60 -0.51
C TYR A 9 24.81 -5.26 -0.95
N ALA A 10 24.75 -6.59 -0.85
CA ALA A 10 23.62 -7.31 -1.38
C ALA A 10 22.70 -7.82 -0.28
N THR A 11 22.55 -7.03 0.78
CA THR A 11 21.69 -7.40 1.87
C THR A 11 21.08 -6.06 2.31
N TYR A 12 19.99 -6.10 3.09
CA TYR A 12 19.37 -4.87 3.61
C TYR A 12 19.90 -4.62 4.99
N HIS A 13 20.24 -3.37 5.27
CA HIS A 13 20.78 -2.99 6.53
C HIS A 13 19.89 -2.16 7.37
N THR A 14 20.30 -2.06 8.64
CA THR A 14 19.56 -1.32 9.63
C THR A 14 20.02 0.14 9.54
N LEU A 15 19.29 1.05 10.19
CA LEU A 15 19.73 2.43 10.20
C LEU A 15 21.19 2.58 10.73
N GLU A 16 21.48 1.95 11.87
CA GLU A 16 22.78 2.04 12.50
C GLU A 16 23.92 1.58 11.54
N GLU A 17 23.72 0.46 10.88
CA GLU A 17 24.74 -0.02 9.89
C GLU A 17 24.95 0.98 8.78
N ILE A 18 23.87 1.55 8.27
CA ILE A 18 24.00 2.55 7.20
C ILE A 18 24.75 3.77 7.76
N TYR A 19 24.41 4.22 8.97
CA TYR A 19 25.15 5.32 9.61
C TYR A 19 26.60 4.96 9.86
N ASP A 20 26.89 3.71 10.22
CA ASP A 20 28.30 3.33 10.40
C ASP A 20 28.96 3.38 9.04
N PHE A 21 28.23 3.00 7.99
CA PHE A 21 28.79 2.97 6.67
C PHE A 21 29.22 4.37 6.22
N LEU A 22 28.42 5.37 6.55
CA LEU A 22 28.73 6.72 6.12
C LEU A 22 30.07 7.14 6.67
N ASP A 23 30.30 6.81 7.95
CA ASP A 23 31.56 7.18 8.61
C ASP A 23 32.76 6.44 8.08
N LEU A 24 32.60 5.15 7.80
CA LEU A 24 33.65 4.40 7.16
C LEU A 24 34.04 5.01 5.84
N LEU A 25 33.05 5.43 5.03
CA LEU A 25 33.38 5.88 3.70
C LEU A 25 34.10 7.26 3.76
N VAL A 26 33.68 8.12 4.68
CA VAL A 26 34.36 9.35 4.85
C VAL A 26 35.79 9.08 5.36
N ALA A 27 35.94 8.23 6.38
CA ALA A 27 37.29 7.98 6.88
C ALA A 27 38.26 7.37 5.86
N GLU A 28 37.76 6.53 4.95
CA GLU A 28 38.61 5.96 3.90
C GLU A 28 38.87 6.90 2.75
N ASN A 29 38.13 7.97 2.63
CA ASN A 29 38.27 8.85 1.47
C ASN A 29 38.22 10.29 1.94
N PRO A 30 39.14 10.69 2.85
CA PRO A 30 38.98 11.99 3.49
C PRO A 30 39.09 13.21 2.55
N HIS A 31 39.77 13.08 1.41
CA HIS A 31 39.87 14.20 0.50
C HIS A 31 38.79 14.16 -0.60
N LEU A 32 37.84 13.24 -0.51
CA LEU A 32 36.76 13.15 -1.50
C LEU A 32 35.35 13.27 -0.90
N VAL A 33 35.18 12.74 0.29
CA VAL A 33 33.86 12.51 0.80
C VAL A 33 33.81 13.15 2.18
N SER A 34 32.74 13.87 2.48
CA SER A 34 32.50 14.40 3.82
C SER A 34 31.03 14.24 4.10
N LYS A 35 30.68 14.35 5.37
CA LYS A 35 29.33 14.12 5.79
C LYS A 35 28.80 15.41 6.39
N ILE A 36 27.59 15.79 5.99
CA ILE A 36 26.96 17.02 6.46
C ILE A 36 25.68 16.68 7.21
N GLN A 37 25.51 17.24 8.40
CA GLN A 37 24.29 17.00 9.12
C GLN A 37 23.37 18.12 8.75
N ILE A 38 22.25 17.81 8.12
CA ILE A 38 21.37 18.92 7.71
C ILE A 38 20.22 19.22 8.68
N GLY A 39 20.03 18.34 9.66
CA GLY A 39 19.05 18.56 10.71
C GLY A 39 18.93 17.34 11.59
N ASN A 40 17.90 17.35 12.41
CA ASN A 40 17.47 16.19 13.22
C ASN A 40 16.01 15.88 12.90
N THR A 41 15.65 14.60 12.90
CA THR A 41 14.29 14.20 12.63
C THR A 41 13.41 14.55 13.82
N TYR A 42 12.13 14.23 13.66
CA TYR A 42 11.15 14.50 14.68
C TYR A 42 11.52 13.80 15.98
N GLU A 43 12.06 12.59 15.85
CA GLU A 43 12.41 11.81 17.05
C GLU A 43 13.78 12.14 17.60
N GLY A 44 14.48 13.10 16.97
CA GLY A 44 15.85 13.47 17.34
C GLY A 44 17.01 12.76 16.60
N ARG A 45 16.72 11.96 15.58
CA ARG A 45 17.84 11.28 14.92
C ARG A 45 18.53 12.31 13.96
N PRO A 46 19.85 12.31 13.91
CA PRO A 46 20.52 13.18 12.93
C PRO A 46 20.16 12.82 11.47
N ILE A 47 20.13 13.85 10.63
CA ILE A 47 19.95 13.68 9.19
C ILE A 47 21.26 14.04 8.44
N TYR A 48 21.75 13.12 7.62
CA TYR A 48 23.04 13.30 7.03
C TYR A 48 22.99 13.24 5.51
N VAL A 49 23.82 14.10 4.93
CA VAL A 49 24.11 14.11 3.49
C VAL A 49 25.60 13.87 3.24
N LEU A 50 25.93 12.93 2.37
CA LEU A 50 27.29 12.85 1.85
C LEU A 50 27.57 13.86 0.76
N LYS A 51 28.72 14.47 0.82
CA LYS A 51 29.14 15.38 -0.18
C LYS A 51 30.39 14.78 -0.83
N PHE A 52 30.35 14.64 -2.14
CA PHE A 52 31.46 14.08 -2.90
C PHE A 52 31.95 15.24 -3.75
N SER A 53 33.22 15.58 -3.60
CA SER A 53 33.75 16.79 -4.19
C SER A 53 35.25 16.67 -4.43
N THR A 54 35.73 17.21 -5.55
CA THR A 54 37.16 17.22 -5.78
C THR A 54 37.72 18.60 -5.53
N GLY A 55 36.87 19.49 -5.04
CA GLY A 55 37.38 20.79 -4.58
C GLY A 55 36.46 21.92 -4.95
N GLY A 56 37.01 23.14 -4.97
CA GLY A 56 36.29 24.33 -5.38
C GLY A 56 35.43 24.83 -4.24
N SER A 57 34.60 25.81 -4.53
CA SER A 57 33.76 26.47 -3.52
C SER A 57 32.31 26.60 -4.04
N LYS A 58 31.41 25.83 -3.45
CA LYS A 58 30.04 25.80 -3.99
C LYS A 58 29.94 25.59 -5.51
N ARG A 59 30.69 24.58 -5.97
CA ARG A 59 30.54 24.02 -7.31
C ARG A 59 29.06 23.70 -7.69
N PRO A 60 28.72 23.82 -8.97
CA PRO A 60 27.40 23.30 -9.39
C PRO A 60 27.27 21.86 -8.94
N ALA A 61 26.09 21.49 -8.42
CA ALA A 61 25.94 20.15 -7.82
C ALA A 61 24.71 19.34 -8.31
N ILE A 62 24.82 18.00 -8.25
CA ILE A 62 23.67 17.07 -8.39
C ILE A 62 23.28 16.66 -6.99
N TRP A 63 22.00 16.69 -6.67
CA TRP A 63 21.53 16.11 -5.41
C TRP A 63 20.82 14.78 -5.67
N ILE A 64 21.14 13.73 -4.91
CA ILE A 64 20.36 12.54 -5.03
C ILE A 64 19.89 12.11 -3.66
N ASP A 65 18.58 11.81 -3.54
CA ASP A 65 18.05 11.33 -2.26
C ASP A 65 17.31 10.02 -2.44
N THR A 66 17.43 9.16 -1.44
CA THR A 66 16.75 7.89 -1.48
C THR A 66 16.02 7.73 -0.14
N GLY A 67 15.01 6.86 -0.08
CA GLY A 67 14.41 6.52 1.22
C GLY A 67 13.48 7.59 1.81
N ILE A 68 12.95 8.47 0.97
CA ILE A 68 11.98 9.39 1.47
C ILE A 68 10.78 8.64 1.99
N HIS A 69 10.40 7.58 1.34
CA HIS A 69 9.35 6.74 1.87
C HIS A 69 10.02 5.50 2.49
N SER A 70 9.87 5.32 3.78
CA SER A 70 10.81 4.42 4.48
C SER A 70 10.73 2.95 4.05
N ARG A 71 9.54 2.48 3.65
CA ARG A 71 9.40 1.04 3.28
C ARG A 71 10.09 0.71 1.96
N GLU A 72 10.53 1.75 1.23
CA GLU A 72 11.10 1.54 -0.09
C GLU A 72 12.60 1.12 -0.03
N TRP A 73 12.80 -0.05 0.53
CA TRP A 73 14.15 -0.49 0.97
C TRP A 73 15.20 -0.55 -0.17
N VAL A 74 14.81 -0.92 -1.38
CA VAL A 74 15.82 -0.98 -2.40
C VAL A 74 16.48 0.39 -2.63
N THR A 75 15.77 1.47 -2.31
CA THR A 75 16.29 2.80 -2.58
C THR A 75 17.44 3.11 -1.67
N GLN A 76 17.27 2.94 -0.35
CA GLN A 76 18.43 3.09 0.58
C GLN A 76 19.58 2.14 0.26
N ALA A 77 19.24 0.89 -0.07
CA ALA A 77 20.26 -0.11 -0.31
C ALA A 77 21.06 0.31 -1.58
N SER A 78 20.37 0.92 -2.54
CA SER A 78 21.00 1.41 -3.79
C SER A 78 21.82 2.63 -3.52
N GLY A 79 21.36 3.49 -2.60
CA GLY A 79 22.10 4.65 -2.23
C GLY A 79 23.44 4.27 -1.61
N VAL A 80 23.43 3.22 -0.79
CA VAL A 80 24.68 2.75 -0.18
C VAL A 80 25.64 2.35 -1.27
N TRP A 81 25.15 1.56 -2.21
CA TRP A 81 25.95 1.13 -3.33
C TRP A 81 26.51 2.28 -4.16
N PHE A 82 25.71 3.31 -4.40
CA PHE A 82 26.10 4.48 -5.22
C PHE A 82 27.25 5.19 -4.54
N ALA A 83 27.15 5.33 -3.21
CA ALA A 83 28.18 6.00 -2.43
C ALA A 83 29.51 5.27 -2.65
N LYS A 84 29.46 3.95 -2.61
CA LYS A 84 30.65 3.17 -2.80
C LYS A 84 31.09 3.23 -4.26
N LYS A 85 30.14 3.24 -5.20
CA LYS A 85 30.49 3.23 -6.60
C LYS A 85 31.29 4.51 -6.95
N ILE A 86 30.85 5.64 -6.42
CA ILE A 86 31.53 6.89 -6.62
C ILE A 86 32.97 6.83 -6.21
N THR A 87 33.27 6.28 -5.02
CA THR A 87 34.67 6.26 -4.56
C THR A 87 35.51 5.19 -5.30
N GLN A 88 34.86 4.19 -5.89
CA GLN A 88 35.56 3.16 -6.64
C GLN A 88 35.90 3.73 -7.96
N ASP A 89 35.00 4.50 -8.54
CA ASP A 89 35.19 4.92 -9.92
C ASP A 89 36.02 6.19 -10.07
N TYR A 90 36.01 7.06 -9.06
CA TYR A 90 36.69 8.31 -9.26
C TYR A 90 38.21 8.05 -9.42
N GLY A 91 38.83 8.62 -10.46
CA GLY A 91 40.26 8.37 -10.68
C GLY A 91 40.53 7.05 -11.40
N GLN A 92 39.48 6.25 -11.66
CA GLN A 92 39.61 4.99 -12.42
C GLN A 92 38.80 5.06 -13.75
N ASP A 93 37.50 5.37 -13.65
CA ASP A 93 36.71 5.61 -14.84
C ASP A 93 36.87 7.07 -15.28
N ALA A 94 37.23 7.26 -16.56
CA ALA A 94 37.58 8.60 -17.07
C ALA A 94 36.34 9.45 -17.19
N ALA A 95 35.23 8.86 -17.68
CA ALA A 95 34.00 9.60 -17.93
C ALA A 95 33.45 10.07 -16.58
N PHE A 96 33.48 9.19 -15.60
CA PHE A 96 33.01 9.58 -14.28
C PHE A 96 33.91 10.61 -13.56
N THR A 97 35.21 10.40 -13.66
CA THR A 97 36.19 11.37 -13.17
C THR A 97 35.92 12.75 -13.79
N ALA A 98 35.53 12.81 -15.05
CA ALA A 98 35.30 14.10 -15.67
C ALA A 98 34.05 14.77 -15.06
N ILE A 99 33.02 13.98 -14.75
CA ILE A 99 31.86 14.48 -14.03
C ILE A 99 32.28 15.12 -12.66
N LEU A 100 33.11 14.45 -11.91
CA LEU A 100 33.33 14.88 -10.58
C LEU A 100 34.48 15.89 -10.52
N ASP A 101 35.19 16.10 -11.61
CA ASP A 101 36.11 17.21 -11.65
C ASP A 101 35.40 18.54 -11.86
N THR A 102 34.12 18.51 -12.16
CA THR A 102 33.35 19.74 -12.37
C THR A 102 32.17 19.87 -11.39
N LEU A 103 31.45 18.77 -11.16
CA LEU A 103 30.18 18.82 -10.38
C LEU A 103 30.52 18.32 -9.02
N ASP A 104 29.89 18.86 -7.98
CA ASP A 104 29.80 18.14 -6.67
C ASP A 104 28.62 17.15 -6.69
N ILE A 105 28.64 16.07 -5.89
CA ILE A 105 27.44 15.22 -5.75
C ILE A 105 27.02 15.22 -4.31
N PHE A 106 25.72 15.42 -4.02
CA PHE A 106 25.23 15.28 -2.65
C PHE A 106 24.33 14.05 -2.62
N LEU A 107 24.58 13.16 -1.66
CA LEU A 107 23.75 11.99 -1.58
C LEU A 107 23.14 11.83 -0.21
N GLU A 108 21.80 11.89 -0.14
CA GLU A 108 21.11 11.60 1.11
C GLU A 108 20.50 10.19 1.06
N ILE A 109 21.14 9.26 1.75
CA ILE A 109 20.74 7.89 1.66
C ILE A 109 19.47 7.56 2.45
N VAL A 110 19.35 8.06 3.68
CA VAL A 110 18.16 7.82 4.48
C VAL A 110 17.47 9.15 4.68
N THR A 111 16.57 9.47 3.79
CA THR A 111 15.95 10.77 3.85
C THR A 111 14.86 10.81 4.95
N ASN A 112 14.44 9.64 5.47
CA ASN A 112 13.39 9.61 6.50
C ASN A 112 13.79 8.55 7.57
N PRO A 113 14.75 8.91 8.45
CA PRO A 113 15.36 7.99 9.45
C PRO A 113 14.34 7.40 10.46
N ASP A 114 13.44 8.20 11.00
CA ASP A 114 12.42 7.69 11.92
C ASP A 114 11.55 6.64 11.21
N GLY A 115 11.13 6.90 9.97
CA GLY A 115 10.34 5.93 9.24
C GLY A 115 11.19 4.71 9.03
N PHE A 116 12.45 4.94 8.69
CA PHE A 116 13.28 3.81 8.37
C PHE A 116 13.43 2.88 9.57
N ALA A 117 13.74 3.47 10.75
CA ALA A 117 13.88 2.65 11.97
C ALA A 117 12.58 1.89 12.30
N PHE A 118 11.42 2.52 12.01
CA PHE A 118 10.14 1.92 12.23
C PHE A 118 9.86 0.70 11.33
N THR A 119 10.34 0.76 10.09
CA THR A 119 10.17 -0.35 9.19
C THR A 119 11.02 -1.54 9.68
N HIS A 120 12.04 -1.26 10.49
CA HIS A 120 12.85 -2.33 11.11
C HIS A 120 12.30 -2.80 12.43
N SER A 121 11.78 -1.90 13.24
CA SER A 121 11.35 -2.26 14.57
C SER A 121 9.90 -2.82 14.63
N THR A 122 8.99 -2.31 13.80
CA THR A 122 7.57 -2.47 14.03
C THR A 122 6.71 -2.79 12.80
N ASN A 123 6.90 -2.02 11.72
CA ASN A 123 6.02 -2.11 10.60
C ASN A 123 6.79 -1.96 9.27
N ARG A 124 7.07 -3.10 8.65
CA ARG A 124 7.88 -3.15 7.43
C ARG A 124 7.34 -2.24 6.31
N MET A 125 6.05 -1.92 6.38
CA MET A 125 5.33 -1.17 5.34
C MET A 125 5.11 0.30 5.69
N TRP A 126 5.74 0.78 6.75
CA TRP A 126 5.59 2.20 7.13
C TRP A 126 6.13 3.10 6.01
N ARG A 127 5.45 4.19 5.76
CA ARG A 127 5.72 5.01 4.62
C ARG A 127 6.10 6.41 5.06
N LYS A 128 5.33 6.94 6.03
CA LYS A 128 5.37 8.35 6.37
C LYS A 128 6.54 8.71 7.33
N THR A 129 6.56 9.97 7.80
CA THR A 129 7.38 10.37 8.92
C THR A 129 6.72 9.81 10.17
N ARG A 130 7.28 10.11 11.33
CA ARG A 130 6.73 9.68 12.59
C ARG A 130 6.30 10.84 13.49
N SER A 131 6.04 12.02 12.91
CA SER A 131 5.45 13.11 13.70
C SER A 131 4.04 12.83 14.21
N HIS A 132 3.79 13.16 15.47
CA HIS A 132 2.44 13.03 16.06
C HIS A 132 1.59 14.22 15.65
N THR A 133 0.32 13.93 15.41
CA THR A 133 -0.67 14.94 15.04
C THR A 133 -1.77 15.06 16.15
N ALA A 134 -1.91 16.21 16.83
CA ALA A 134 -3.02 16.34 17.87
C ALA A 134 -4.47 15.89 17.48
N GLY A 135 -5.21 15.33 18.44
CA GLY A 135 -6.61 14.94 18.22
C GLY A 135 -6.69 13.83 17.19
N SER A 136 -5.51 13.40 16.78
CA SER A 136 -5.39 12.21 16.01
C SER A 136 -4.55 11.25 16.84
N LEU A 137 -4.91 9.98 16.73
CA LEU A 137 -4.08 8.93 17.26
C LEU A 137 -3.18 8.41 16.13
N CYS A 138 -3.53 8.73 14.87
CA CYS A 138 -2.75 8.33 13.72
C CYS A 138 -1.46 9.17 13.68
N ILE A 139 -0.37 8.53 13.25
CA ILE A 139 0.96 9.16 13.23
C ILE A 139 1.49 9.41 11.80
N GLY A 140 2.21 10.54 11.63
CA GLY A 140 3.04 10.77 10.49
C GLY A 140 2.42 11.53 9.33
N VAL A 141 3.31 12.19 8.56
CA VAL A 141 2.94 12.99 7.39
C VAL A 141 3.67 12.39 6.18
N ASP A 142 3.06 12.45 5.01
CA ASP A 142 3.69 11.92 3.81
C ASP A 142 4.73 12.94 3.37
N PRO A 143 6.04 12.60 3.52
CA PRO A 143 7.05 13.61 3.18
C PRO A 143 6.98 13.97 1.68
N ASN A 144 6.38 13.11 0.85
CA ASN A 144 6.26 13.51 -0.55
C ASN A 144 4.96 14.27 -0.91
N ARG A 145 4.32 14.86 0.07
CA ARG A 145 3.16 15.74 -0.14
C ARG A 145 3.28 17.00 0.67
N ASN A 146 4.37 17.15 1.40
CA ASN A 146 4.61 18.25 2.33
C ASN A 146 5.40 19.43 1.71
N TRP A 147 5.75 19.37 0.44
CA TRP A 147 6.56 20.44 -0.14
C TRP A 147 5.69 21.59 -0.63
N ASP A 148 6.31 22.77 -0.74
CA ASP A 148 5.56 23.97 -1.11
C ASP A 148 5.35 24.15 -2.60
N ALA A 149 4.63 23.23 -3.23
CA ALA A 149 4.33 23.32 -4.65
C ALA A 149 2.99 22.68 -4.82
N GLY A 150 1.97 23.49 -5.03
CA GLY A 150 0.61 22.97 -5.00
C GLY A 150 0.23 22.33 -3.68
N PHE A 151 0.84 22.81 -2.60
CA PHE A 151 0.62 22.18 -1.32
C PHE A 151 -0.89 22.13 -1.00
N GLY A 152 -1.33 20.99 -0.56
CA GLY A 152 -2.67 20.88 -0.09
C GLY A 152 -3.69 20.79 -1.19
N LEU A 153 -3.30 20.80 -2.46
CA LEU A 153 -4.30 20.65 -3.58
C LEU A 153 -4.60 19.19 -3.86
N SER A 154 -5.54 18.89 -4.75
CA SER A 154 -5.82 17.50 -5.13
C SER A 154 -4.54 16.73 -5.36
N GLY A 155 -4.51 15.49 -4.90
CA GLY A 155 -3.33 14.70 -5.00
C GLY A 155 -2.65 14.49 -3.67
N ALA A 156 -3.34 14.84 -2.58
CA ALA A 156 -2.83 14.74 -1.23
C ALA A 156 -4.05 14.70 -0.33
N SER A 157 -3.90 14.27 0.93
CA SER A 157 -5.04 14.16 1.78
C SER A 157 -4.91 15.03 3.02
N SER A 158 -6.03 15.55 3.50
CA SER A 158 -6.03 16.33 4.77
C SER A 158 -6.41 15.42 5.97
N ASN A 159 -6.55 14.12 5.71
CA ASN A 159 -6.88 13.20 6.77
C ASN A 159 -5.57 12.68 7.41
N PRO A 160 -5.36 12.94 8.72
CA PRO A 160 -4.10 12.54 9.34
C PRO A 160 -3.81 11.07 9.24
N CYS A 161 -4.84 10.24 9.03
CA CYS A 161 -4.71 8.80 8.95
C CYS A 161 -4.35 8.30 7.59
N SER A 162 -4.39 9.19 6.59
CA SER A 162 -4.13 8.77 5.21
C SER A 162 -2.63 8.56 4.97
N GLU A 163 -2.33 7.61 4.10
N GLU A 163 -2.30 7.61 4.11
CA GLU A 163 -0.99 7.36 3.56
CA GLU A 163 -0.91 7.43 3.69
C GLU A 163 -0.40 8.60 2.89
C GLU A 163 -0.36 8.63 2.90
N THR A 164 -1.26 9.49 2.41
CA THR A 164 -0.86 10.74 1.70
C THR A 164 -1.18 12.02 2.45
N TYR A 165 -1.33 11.92 3.77
CA TYR A 165 -1.53 13.09 4.59
C TYR A 165 -0.46 14.12 4.28
N HIS A 166 -0.90 15.33 3.91
CA HIS A 166 0.04 16.45 3.64
C HIS A 166 0.62 17.20 4.84
N GLY A 167 0.06 17.05 6.04
CA GLY A 167 0.58 17.86 7.15
C GLY A 167 -0.17 19.18 7.31
N LYS A 168 0.22 19.98 8.32
CA LYS A 168 -0.50 21.20 8.63
C LYS A 168 -0.17 22.25 7.61
N PHE A 169 1.07 22.25 7.13
CA PHE A 169 1.48 23.29 6.20
C PHE A 169 2.74 22.83 5.51
N ALA A 170 3.05 23.47 4.39
CA ALA A 170 4.22 23.05 3.65
C ALA A 170 5.40 23.18 4.54
N ASN A 171 6.29 22.18 4.49
CA ASN A 171 7.53 22.26 5.24
C ASN A 171 7.32 22.09 6.72
N SER A 172 6.15 21.63 7.13
CA SER A 172 5.98 21.32 8.54
C SER A 172 6.84 20.15 8.99
N GLU A 173 7.24 19.27 8.08
CA GLU A 173 8.17 18.18 8.47
C GLU A 173 9.59 18.62 8.43
N VAL A 174 10.29 18.37 9.51
CA VAL A 174 11.65 18.81 9.62
C VAL A 174 12.53 18.07 8.64
N GLU A 175 12.15 16.84 8.27
CA GLU A 175 12.96 16.09 7.32
C GLU A 175 12.90 16.79 5.96
N VAL A 176 11.80 17.46 5.67
CA VAL A 176 11.60 18.17 4.39
C VAL A 176 12.25 19.53 4.46
N LYS A 177 11.97 20.30 5.52
CA LYS A 177 12.48 21.64 5.73
C LYS A 177 14.01 21.58 5.78
N SER A 178 14.58 20.51 6.33
CA SER A 178 16.04 20.44 6.37
C SER A 178 16.62 20.40 4.93
N ILE A 179 16.02 19.64 4.04
CA ILE A 179 16.43 19.67 2.63
C ILE A 179 16.24 21.05 1.96
N VAL A 180 15.04 21.62 2.14
CA VAL A 180 14.73 22.97 1.65
C VAL A 180 15.83 23.98 2.04
N ASP A 181 16.21 24.04 3.32
CA ASP A 181 17.21 24.99 3.78
C ASP A 181 18.60 24.69 3.22
N PHE A 182 18.95 23.40 3.18
CA PHE A 182 20.19 23.04 2.55
C PHE A 182 20.31 23.57 1.10
N VAL A 183 19.24 23.36 0.31
CA VAL A 183 19.22 23.63 -1.11
C VAL A 183 19.26 25.13 -1.35
N LYS A 184 18.34 25.84 -0.69
CA LYS A 184 18.37 27.31 -0.72
C LYS A 184 19.69 27.90 -0.23
N ASP A 185 20.25 27.40 0.88
CA ASP A 185 21.53 27.94 1.34
C ASP A 185 22.66 27.66 0.34
N HIS A 186 22.54 26.52 -0.33
CA HIS A 186 23.57 26.11 -1.27
C HIS A 186 23.51 27.04 -2.52
N GLY A 187 22.35 27.13 -3.18
CA GLY A 187 22.19 28.05 -4.29
C GLY A 187 22.78 27.60 -5.62
N ASN A 188 23.48 26.48 -5.64
CA ASN A 188 24.08 26.04 -6.90
C ASN A 188 23.79 24.55 -7.20
N ILE A 189 22.58 24.10 -6.86
CA ILE A 189 22.12 22.75 -7.19
C ILE A 189 21.55 22.83 -8.60
N LYS A 190 22.11 22.03 -9.51
CA LYS A 190 21.71 22.02 -10.91
C LYS A 190 20.80 20.84 -11.31
N ALA A 191 20.86 19.76 -10.52
CA ALA A 191 20.02 18.57 -10.72
C ALA A 191 19.61 18.04 -9.37
N PHE A 192 18.38 17.62 -9.30
CA PHE A 192 17.84 17.11 -8.07
C PHE A 192 17.07 15.84 -8.41
N ILE A 193 17.54 14.71 -7.88
CA ILE A 193 17.00 13.42 -8.21
C ILE A 193 16.48 12.75 -6.95
N SER A 194 15.18 12.47 -6.91
CA SER A 194 14.54 11.82 -5.79
C SER A 194 14.19 10.39 -6.14
N ILE A 195 14.63 9.42 -5.34
CA ILE A 195 14.49 8.06 -5.74
C ILE A 195 13.53 7.29 -4.88
N HIS A 196 12.60 6.57 -5.53
CA HIS A 196 11.55 5.82 -4.86
C HIS A 196 11.51 4.46 -5.52
N SER A 197 10.64 3.59 -5.00
CA SER A 197 10.30 2.35 -5.66
C SER A 197 8.85 2.06 -5.26
N TYR A 198 8.13 1.22 -6.01
CA TYR A 198 8.62 0.48 -7.16
C TYR A 198 7.73 0.94 -8.31
N SER A 199 8.05 0.51 -9.54
CA SER A 199 7.19 0.63 -10.76
C SER A 199 7.96 0.80 -12.06
N GLN A 200 9.28 0.98 -11.96
CA GLN A 200 10.16 1.16 -13.14
C GLN A 200 9.76 2.34 -13.99
N LEU A 201 9.95 3.53 -13.43
CA LEU A 201 9.59 4.80 -14.07
C LEU A 201 10.66 5.86 -13.89
N LEU A 202 10.79 6.78 -14.82
CA LEU A 202 11.61 7.93 -14.59
C LEU A 202 10.68 9.11 -14.89
N MET A 203 10.55 10.06 -13.95
CA MET A 203 9.55 11.10 -14.10
C MET A 203 10.10 12.48 -13.93
N TYR A 204 9.51 13.43 -14.63
CA TYR A 204 9.82 14.82 -14.43
C TYR A 204 8.51 15.49 -14.04
N PRO A 205 8.56 16.80 -13.76
CA PRO A 205 7.34 17.43 -13.22
C PRO A 205 6.33 17.72 -14.34
N TYR A 206 5.09 18.13 -14.02
CA TYR A 206 4.58 18.28 -12.66
C TYR A 206 3.78 17.05 -12.30
N GLY A 207 3.65 16.82 -11.01
CA GLY A 207 2.70 15.85 -10.47
C GLY A 207 1.40 16.54 -10.10
N TYR A 208 1.47 17.83 -9.76
CA TYR A 208 0.25 18.48 -9.24
C TYR A 208 -0.69 19.02 -10.30
N LYS A 209 -0.17 19.34 -11.49
CA LYS A 209 -1.07 19.78 -12.55
C LYS A 209 -0.67 19.19 -13.90
N THR A 210 -1.62 19.24 -14.85
CA THR A 210 -1.46 18.61 -16.19
C THR A 210 -0.62 19.45 -17.15
N GLU A 211 -0.60 20.73 -16.92
CA GLU A 211 0.16 21.65 -17.74
C GLU A 211 1.61 21.18 -17.89
N PRO A 212 2.16 21.17 -19.12
CA PRO A 212 3.59 20.82 -19.22
C PRO A 212 4.54 21.90 -18.71
N VAL A 213 5.63 21.42 -18.14
CA VAL A 213 6.77 22.18 -17.71
C VAL A 213 7.36 22.85 -18.98
N PRO A 214 7.90 24.09 -18.87
CA PRO A 214 8.48 24.72 -20.07
C PRO A 214 9.68 23.96 -20.66
N ASP A 215 10.28 23.08 -19.87
CA ASP A 215 11.48 22.42 -20.35
C ASP A 215 11.17 21.02 -20.72
N GLN A 216 9.88 20.76 -20.97
CA GLN A 216 9.40 19.40 -21.25
C GLN A 216 10.14 18.65 -22.37
N ASP A 217 10.41 19.29 -23.49
CA ASP A 217 11.02 18.54 -24.60
C ASP A 217 12.44 18.10 -24.17
N GLU A 218 13.25 19.00 -23.58
CA GLU A 218 14.58 18.62 -23.06
C GLU A 218 14.54 17.51 -22.00
N LEU A 219 13.65 17.64 -21.02
CA LEU A 219 13.49 16.63 -19.95
C LEU A 219 13.06 15.27 -20.48
N ASP A 220 12.17 15.30 -21.47
CA ASP A 220 11.64 14.07 -22.02
C ASP A 220 12.72 13.30 -22.79
N GLN A 221 13.54 14.00 -23.56
CA GLN A 221 14.59 13.35 -24.32
C GLN A 221 15.71 12.88 -23.44
N LEU A 222 16.01 13.66 -22.40
CA LEU A 222 16.98 13.19 -21.43
C LEU A 222 16.47 11.92 -20.78
N SER A 223 15.17 11.84 -20.46
CA SER A 223 14.56 10.65 -19.84
C SER A 223 14.67 9.47 -20.77
N LYS A 224 14.39 9.70 -22.05
CA LYS A 224 14.59 8.64 -23.02
C LYS A 224 16.05 8.13 -23.01
N ALA A 225 17.03 9.03 -23.07
CA ALA A 225 18.46 8.65 -23.06
C ALA A 225 18.79 7.85 -21.78
N ALA A 226 18.31 8.32 -20.64
CA ALA A 226 18.54 7.65 -19.36
C ALA A 226 17.95 6.23 -19.26
N VAL A 227 16.69 6.06 -19.67
CA VAL A 227 16.08 4.73 -19.54
C VAL A 227 16.73 3.72 -20.53
N THR A 228 17.23 4.24 -21.64
CA THR A 228 17.88 3.43 -22.69
C THR A 228 19.20 2.97 -22.12
N ALA A 229 19.91 3.88 -21.46
CA ALA A 229 21.17 3.51 -20.77
C ALA A 229 20.88 2.45 -19.73
N LEU A 230 19.87 2.69 -18.88
CA LEU A 230 19.44 1.74 -17.83
C LEU A 230 19.16 0.33 -18.40
N ALA A 231 18.35 0.28 -19.45
CA ALA A 231 18.04 -0.98 -20.13
C ALA A 231 19.28 -1.71 -20.69
N SER A 232 20.37 -0.99 -20.92
CA SER A 232 21.42 -1.58 -21.77
C SER A 232 22.07 -2.73 -21.00
N LEU A 233 21.77 -2.80 -19.68
CA LEU A 233 22.47 -3.72 -18.81
C LEU A 233 21.78 -5.05 -18.66
N TYR A 234 20.53 -5.07 -18.22
CA TYR A 234 19.83 -6.36 -18.02
C TYR A 234 18.57 -6.45 -18.86
N GLY A 235 18.29 -5.37 -19.63
CA GLY A 235 17.10 -5.22 -20.44
C GLY A 235 15.88 -4.72 -19.66
N THR A 236 16.10 -4.20 -18.44
CA THR A 236 15.00 -3.70 -17.60
C THR A 236 14.33 -2.52 -18.28
N LYS A 237 12.99 -2.61 -18.41
CA LYS A 237 12.16 -1.63 -19.12
C LYS A 237 11.59 -0.58 -18.20
N PHE A 238 12.07 0.64 -18.32
CA PHE A 238 11.43 1.76 -17.64
C PHE A 238 10.56 2.62 -18.59
N ASN A 239 9.47 3.15 -18.07
CA ASN A 239 8.68 4.12 -18.79
C ASN A 239 9.03 5.49 -18.25
N TYR A 240 8.64 6.53 -18.98
CA TYR A 240 9.01 7.88 -18.54
C TYR A 240 7.94 8.90 -18.96
N GLY A 241 7.90 10.06 -18.31
CA GLY A 241 6.86 11.07 -18.57
C GLY A 241 6.77 11.96 -17.34
N SER A 242 5.85 12.93 -17.36
CA SER A 242 5.58 13.74 -16.17
C SER A 242 4.93 12.83 -15.11
N ILE A 243 5.10 13.20 -13.86
CA ILE A 243 4.53 12.42 -12.79
C ILE A 243 3.04 12.25 -13.02
N ILE A 244 2.38 13.34 -13.42
CA ILE A 244 0.90 13.29 -13.49
C ILE A 244 0.44 12.30 -14.58
N LYS A 245 1.21 12.22 -15.65
CA LYS A 245 0.81 11.29 -16.73
C LYS A 245 1.28 9.88 -16.51
N ALA A 246 2.44 9.70 -15.88
CA ALA A 246 3.01 8.36 -15.75
C ALA A 246 2.41 7.61 -14.57
N ILE A 247 1.93 8.33 -13.57
CA ILE A 247 1.45 7.68 -12.37
C ILE A 247 0.09 8.20 -11.88
N TYR A 248 0.04 9.37 -11.24
CA TYR A 248 -1.22 10.03 -10.94
C TYR A 248 -0.95 11.48 -10.45
N GLN A 249 -1.99 12.27 -10.24
CA GLN A 249 -1.86 13.58 -9.63
C GLN A 249 -1.32 13.43 -8.21
N ALA A 250 -0.25 14.15 -7.89
CA ALA A 250 0.23 14.21 -6.50
C ALA A 250 0.69 15.63 -6.24
N SER A 251 0.18 16.23 -5.17
CA SER A 251 0.45 17.65 -4.89
C SER A 251 1.43 17.79 -3.75
N GLY A 252 2.18 18.87 -3.72
CA GLY A 252 3.23 19.01 -2.71
C GLY A 252 4.37 18.00 -2.79
N SER A 253 4.73 17.55 -3.98
CA SER A 253 5.79 16.58 -4.07
C SER A 253 7.12 17.25 -4.36
N THR A 254 8.20 16.50 -4.17
CA THR A 254 9.51 17.09 -4.07
C THR A 254 9.99 17.84 -5.34
N ILE A 255 9.86 17.19 -6.49
CA ILE A 255 10.44 17.72 -7.70
C ILE A 255 9.62 18.86 -8.27
N ASP A 256 8.33 18.90 -7.95
CA ASP A 256 7.54 20.08 -8.27
C ASP A 256 8.14 21.30 -7.56
N TRP A 257 8.53 21.13 -6.29
CA TRP A 257 9.14 22.20 -5.56
C TRP A 257 10.50 22.59 -6.15
N THR A 258 11.36 21.58 -6.39
CA THR A 258 12.70 21.86 -6.81
C THR A 258 12.68 22.51 -8.17
N TYR A 259 11.84 22.01 -9.06
CA TYR A 259 11.74 22.56 -10.35
C TYR A 259 11.27 24.02 -10.28
N SER A 260 10.33 24.33 -9.39
CA SER A 260 9.86 25.70 -9.26
C SER A 260 10.93 26.65 -8.67
N GLN A 261 11.97 26.11 -8.06
CA GLN A 261 13.06 26.96 -7.60
C GLN A 261 14.10 27.18 -8.68
N GLY A 262 13.81 26.72 -9.91
CA GLY A 262 14.75 26.79 -11.00
C GLY A 262 15.71 25.62 -11.13
N ILE A 263 15.57 24.54 -10.33
CA ILE A 263 16.39 23.34 -10.59
C ILE A 263 15.79 22.57 -11.78
N LYS A 264 16.33 22.83 -12.97
CA LYS A 264 15.73 22.32 -14.23
C LYS A 264 15.70 20.79 -14.29
N TYR A 265 16.81 20.15 -13.90
CA TYR A 265 16.97 18.71 -14.02
C TYR A 265 16.43 18.09 -12.76
N SER A 266 15.13 18.23 -12.56
CA SER A 266 14.49 17.65 -11.40
C SER A 266 13.77 16.36 -11.85
N PHE A 267 14.18 15.20 -11.31
CA PHE A 267 13.64 13.90 -11.75
C PHE A 267 13.32 13.02 -10.57
N THR A 268 12.38 12.10 -10.74
N THR A 268 12.34 12.13 -10.73
CA THR A 268 12.17 11.12 -9.70
CA THR A 268 12.13 11.12 -9.70
C THR A 268 12.10 9.74 -10.33
C THR A 268 12.15 9.76 -10.36
N PHE A 269 12.83 8.79 -9.75
CA PHE A 269 12.85 7.44 -10.26
C PHE A 269 11.92 6.61 -9.48
N GLU A 270 11.25 5.65 -10.14
CA GLU A 270 10.70 4.55 -9.38
C GLU A 270 11.44 3.29 -9.80
N LEU A 271 12.05 2.59 -8.84
CA LEU A 271 12.97 1.47 -9.20
C LEU A 271 12.20 0.17 -9.36
N ARG A 272 12.92 -0.94 -9.51
CA ARG A 272 12.31 -2.23 -9.55
C ARG A 272 11.40 -2.54 -8.35
N ASP A 273 10.44 -3.45 -8.52
CA ASP A 273 10.11 -3.99 -9.81
C ASP A 273 8.79 -3.37 -10.25
N THR A 274 7.92 -4.16 -10.86
CA THR A 274 6.65 -3.58 -11.28
C THR A 274 5.46 -4.19 -10.50
N GLY A 275 5.72 -4.90 -9.44
CA GLY A 275 4.62 -5.45 -8.72
C GLY A 275 4.78 -6.85 -8.18
N ARG A 276 5.51 -7.74 -8.87
CA ARG A 276 5.68 -9.11 -8.36
C ARG A 276 6.06 -9.14 -6.90
N TYR A 277 7.06 -8.34 -6.50
CA TYR A 277 7.49 -8.23 -5.10
C TYR A 277 7.17 -6.84 -4.54
N GLY A 278 6.95 -5.88 -5.41
CA GLY A 278 6.69 -4.53 -4.94
C GLY A 278 7.82 -3.99 -4.03
N PHE A 279 7.43 -3.51 -2.86
CA PHE A 279 8.39 -3.06 -1.84
C PHE A 279 9.30 -4.17 -1.24
N LEU A 280 8.88 -5.42 -1.35
CA LEU A 280 9.61 -6.50 -0.73
C LEU A 280 10.61 -7.10 -1.68
N LEU A 281 11.35 -6.25 -2.41
CA LEU A 281 12.25 -6.75 -3.44
C LEU A 281 13.33 -7.58 -2.82
N PRO A 282 13.58 -8.84 -3.29
CA PRO A 282 14.67 -9.64 -2.72
C PRO A 282 16.04 -9.00 -2.71
N ALA A 283 16.83 -9.34 -1.71
CA ALA A 283 18.16 -8.79 -1.58
C ALA A 283 18.99 -9.13 -2.81
N SER A 284 18.66 -10.21 -3.50
CA SER A 284 19.40 -10.57 -4.73
C SER A 284 19.17 -9.57 -5.91
N GLN A 285 18.21 -8.68 -5.78
CA GLN A 285 18.05 -7.68 -6.81
C GLN A 285 18.59 -6.30 -6.47
N ILE A 286 19.19 -6.15 -5.29
CA ILE A 286 19.74 -4.86 -4.87
C ILE A 286 20.82 -4.34 -5.81
N ILE A 287 21.84 -5.15 -6.08
CA ILE A 287 22.97 -4.65 -6.84
C ILE A 287 22.60 -4.47 -8.32
N PRO A 288 21.88 -5.44 -8.96
CA PRO A 288 21.48 -5.13 -10.35
C PRO A 288 20.61 -3.86 -10.45
N THR A 289 19.72 -3.65 -9.46
CA THR A 289 18.86 -2.44 -9.49
C THR A 289 19.77 -1.23 -9.45
N ALA A 290 20.74 -1.27 -8.56
CA ALA A 290 21.66 -0.13 -8.38
C ALA A 290 22.47 0.12 -9.65
N LYS A 291 22.97 -0.97 -10.23
CA LYS A 291 23.87 -0.87 -11.37
C LYS A 291 23.17 -0.24 -12.52
N GLU A 292 21.99 -0.76 -12.82
CA GLU A 292 21.34 -0.25 -14.02
C GLU A 292 20.94 1.19 -13.70
N THR A 293 20.50 1.45 -12.46
CA THR A 293 20.08 2.82 -12.11
C THR A 293 21.25 3.79 -12.20
N TRP A 294 22.46 3.32 -11.92
CA TRP A 294 23.65 4.15 -11.97
C TRP A 294 23.89 4.61 -13.42
N LEU A 295 23.59 3.72 -14.34
CA LEU A 295 23.71 4.07 -15.77
C LEU A 295 22.80 5.24 -16.12
N ALA A 296 21.56 5.20 -15.64
CA ALA A 296 20.62 6.31 -15.85
C ALA A 296 21.10 7.59 -15.18
N LEU A 297 21.62 7.48 -13.97
CA LEU A 297 22.16 8.61 -13.23
C LEU A 297 23.34 9.28 -13.95
N LEU A 298 24.32 8.49 -14.41
CA LEU A 298 25.44 8.94 -15.25
C LEU A 298 24.93 9.79 -16.39
N THR A 299 23.90 9.32 -17.06
CA THR A 299 23.34 10.04 -18.21
C THR A 299 22.81 11.43 -17.83
N ILE A 300 22.04 11.49 -16.75
CA ILE A 300 21.54 12.80 -16.30
C ILE A 300 22.68 13.71 -15.86
N MET A 301 23.67 13.15 -15.16
CA MET A 301 24.78 13.94 -14.63
C MET A 301 25.60 14.51 -15.78
N GLU A 302 25.92 13.67 -16.75
CA GLU A 302 26.66 14.17 -17.90
C GLU A 302 25.94 15.29 -18.61
N HIS A 303 24.64 15.14 -18.81
CA HIS A 303 23.89 16.20 -19.44
C HIS A 303 23.95 17.49 -18.59
N THR A 304 23.81 17.35 -17.28
CA THR A 304 23.85 18.51 -16.39
C THR A 304 25.23 19.16 -16.50
N LEU A 305 26.29 18.34 -16.58
CA LEU A 305 27.65 18.83 -16.76
C LEU A 305 27.73 19.70 -18.00
N ASN A 306 27.12 19.23 -19.08
CA ASN A 306 27.30 19.89 -20.35
C ASN A 306 26.32 21.04 -20.65
N HIS A 307 25.27 21.23 -19.84
CA HIS A 307 24.22 22.23 -20.11
C HIS A 307 23.95 23.18 -18.91
N PRO A 308 24.82 24.21 -18.74
CA PRO A 308 24.75 25.16 -17.58
C PRO A 308 23.35 25.78 -17.25
N ARG B 2 -6.16 -33.95 14.85
CA ARG B 2 -6.75 -32.62 14.45
C ARG B 2 -8.26 -32.64 14.70
N SER B 3 -8.70 -31.60 15.40
CA SER B 3 -10.07 -31.16 15.43
C SER B 3 -10.10 -29.61 15.56
N THR B 4 -11.28 -29.01 15.42
CA THR B 4 -11.35 -27.57 15.45
C THR B 4 -11.19 -27.10 16.88
N ASP B 5 -11.21 -28.03 17.82
CA ASP B 5 -10.93 -27.66 19.21
C ASP B 5 -9.43 -27.47 19.44
N THR B 6 -8.63 -28.13 18.63
CA THR B 6 -7.16 -28.09 18.88
C THR B 6 -6.49 -27.17 17.90
N PHE B 7 -7.28 -26.64 16.97
CA PHE B 7 -6.77 -25.78 15.96
C PHE B 7 -6.34 -24.44 16.64
N ASN B 8 -5.23 -23.88 16.18
CA ASN B 8 -4.69 -22.66 16.75
C ASN B 8 -5.31 -21.41 16.09
N TYR B 9 -6.27 -20.80 16.77
CA TYR B 9 -6.99 -19.65 16.19
C TYR B 9 -6.13 -18.40 16.35
N ALA B 10 -5.13 -18.44 17.22
CA ALA B 10 -4.36 -17.22 17.51
C ALA B 10 -3.09 -17.15 16.68
N THR B 11 -3.11 -17.73 15.48
CA THR B 11 -1.95 -17.66 14.57
C THR B 11 -2.46 -17.54 13.12
N TYR B 12 -1.62 -17.02 12.23
CA TYR B 12 -1.95 -16.98 10.78
C TYR B 12 -1.71 -18.32 10.07
N HIS B 13 -2.60 -18.65 9.16
CA HIS B 13 -2.55 -19.96 8.52
C HIS B 13 -2.40 -19.84 7.01
N THR B 14 -1.87 -20.88 6.35
CA THR B 14 -1.79 -20.94 4.91
C THR B 14 -3.18 -21.32 4.29
N LEU B 15 -3.28 -21.18 2.96
CA LEU B 15 -4.49 -21.56 2.26
C LEU B 15 -4.83 -23.03 2.60
N GLU B 16 -3.84 -23.92 2.50
CA GLU B 16 -4.04 -25.36 2.77
C GLU B 16 -4.63 -25.61 4.21
N GLU B 17 -4.06 -24.93 5.21
CA GLU B 17 -4.53 -25.10 6.58
C GLU B 17 -5.93 -24.59 6.69
N ILE B 18 -6.25 -23.52 5.97
CA ILE B 18 -7.61 -22.99 6.06
C ILE B 18 -8.61 -23.95 5.45
N TYR B 19 -8.29 -24.46 4.25
CA TYR B 19 -9.15 -25.41 3.53
C TYR B 19 -9.39 -26.73 4.35
N ASP B 20 -8.33 -27.20 5.02
CA ASP B 20 -8.46 -28.39 5.89
C ASP B 20 -9.38 -28.05 7.06
N PHE B 21 -9.15 -26.88 7.69
CA PHE B 21 -10.13 -26.33 8.65
C PHE B 21 -11.60 -26.41 8.18
N LEU B 22 -11.86 -25.97 6.95
CA LEU B 22 -13.22 -26.05 6.46
C LEU B 22 -13.68 -27.50 6.51
N ASP B 23 -12.84 -28.43 6.04
CA ASP B 23 -13.27 -29.83 6.02
C ASP B 23 -13.51 -30.40 7.41
N LEU B 24 -12.66 -30.05 8.36
CA LEU B 24 -12.84 -30.57 9.69
C LEU B 24 -14.11 -30.04 10.33
N LEU B 25 -14.38 -28.74 10.16
CA LEU B 25 -15.52 -28.14 10.82
C LEU B 25 -16.81 -28.82 10.34
N VAL B 26 -16.91 -28.99 9.03
CA VAL B 26 -18.01 -29.64 8.42
C VAL B 26 -18.18 -31.06 8.94
N ALA B 27 -17.11 -31.87 8.97
CA ALA B 27 -17.19 -33.27 9.43
C ALA B 27 -17.63 -33.37 10.92
N GLU B 28 -17.21 -32.42 11.72
CA GLU B 28 -17.60 -32.37 13.09
C GLU B 28 -19.03 -31.81 13.24
N ASN B 29 -19.52 -31.02 12.30
CA ASN B 29 -20.88 -30.45 12.42
C ASN B 29 -21.76 -30.67 11.19
N PRO B 30 -21.89 -31.91 10.72
CA PRO B 30 -22.47 -32.04 9.37
C PRO B 30 -23.92 -31.71 9.21
N HIS B 31 -24.68 -31.68 10.30
CA HIS B 31 -26.08 -31.32 10.17
C HIS B 31 -26.29 -29.81 10.32
N LEU B 32 -25.23 -29.06 10.56
CA LEU B 32 -25.32 -27.62 10.69
C LEU B 32 -24.60 -26.92 9.53
N VAL B 33 -23.39 -27.39 9.18
CA VAL B 33 -22.53 -26.74 8.19
C VAL B 33 -22.28 -27.63 6.98
N SER B 34 -22.37 -27.08 5.78
CA SER B 34 -21.92 -27.72 4.57
C SER B 34 -20.95 -26.79 3.81
N LYS B 35 -20.24 -27.40 2.87
CA LYS B 35 -19.26 -26.70 2.11
C LYS B 35 -19.80 -26.66 0.70
N ILE B 36 -19.87 -25.46 0.17
CA ILE B 36 -20.34 -25.24 -1.17
C ILE B 36 -19.22 -24.70 -2.07
N GLN B 37 -19.02 -25.39 -3.18
CA GLN B 37 -18.04 -24.90 -4.16
C GLN B 37 -18.71 -23.91 -5.10
N ILE B 38 -18.27 -22.66 -5.14
CA ILE B 38 -19.00 -21.75 -6.03
C ILE B 38 -18.32 -21.44 -7.39
N GLY B 39 -17.12 -21.97 -7.58
CA GLY B 39 -16.31 -21.58 -8.72
C GLY B 39 -14.92 -22.13 -8.54
N ASN B 40 -14.07 -21.83 -9.52
CA ASN B 40 -12.64 -22.05 -9.41
C ASN B 40 -11.99 -20.72 -9.70
N THR B 41 -10.89 -20.44 -9.04
CA THR B 41 -10.14 -19.20 -9.28
C THR B 41 -9.49 -19.22 -10.66
N TYR B 42 -8.89 -18.10 -11.04
CA TYR B 42 -8.11 -18.01 -12.21
C TYR B 42 -7.06 -19.10 -12.31
N GLU B 43 -6.37 -19.40 -11.21
CA GLU B 43 -5.37 -20.47 -11.22
C GLU B 43 -5.99 -21.86 -10.93
N GLY B 44 -7.33 -21.92 -10.90
CA GLY B 44 -8.03 -23.21 -10.90
C GLY B 44 -8.26 -23.82 -9.53
N ARG B 45 -8.06 -23.04 -8.48
CA ARG B 45 -8.29 -23.52 -7.12
C ARG B 45 -9.78 -23.43 -6.82
N PRO B 46 -10.29 -24.39 -6.05
CA PRO B 46 -11.73 -24.21 -5.73
C PRO B 46 -11.94 -23.05 -4.79
N ILE B 47 -13.07 -22.38 -4.98
CA ILE B 47 -13.57 -21.36 -4.11
C ILE B 47 -14.77 -21.93 -3.31
N TYR B 48 -14.70 -21.81 -1.99
CA TYR B 48 -15.57 -22.49 -1.08
C TYR B 48 -16.31 -21.50 -0.16
N VAL B 49 -17.60 -21.75 0.04
CA VAL B 49 -18.39 -21.01 0.98
C VAL B 49 -18.95 -22.00 1.98
N LEU B 50 -18.96 -21.62 3.24
CA LEU B 50 -19.64 -22.42 4.23
C LEU B 50 -21.05 -21.94 4.35
N LYS B 51 -21.94 -22.90 4.40
CA LYS B 51 -23.33 -22.62 4.57
C LYS B 51 -23.70 -23.22 5.93
N PHE B 52 -24.12 -22.34 6.84
CA PHE B 52 -24.67 -22.72 8.14
C PHE B 52 -26.20 -22.56 8.09
N SER B 53 -26.93 -23.62 8.46
CA SER B 53 -28.36 -23.69 8.29
C SER B 53 -29.03 -24.65 9.27
N THR B 54 -30.25 -24.36 9.68
CA THR B 54 -31.00 -25.26 10.57
C THR B 54 -32.20 -25.80 9.82
N GLY B 55 -32.28 -25.54 8.53
CA GLY B 55 -33.27 -26.21 7.71
C GLY B 55 -33.77 -25.42 6.54
N GLY B 56 -34.84 -25.94 5.93
CA GLY B 56 -35.62 -25.16 5.00
C GLY B 56 -35.00 -25.06 3.62
N SER B 57 -35.63 -24.18 2.83
CA SER B 57 -35.45 -24.15 1.38
C SER B 57 -35.11 -22.72 0.92
N LYS B 58 -33.82 -22.47 0.67
CA LYS B 58 -33.31 -21.10 0.45
C LYS B 58 -34.00 -20.03 1.33
N ARG B 59 -33.76 -20.21 2.61
CA ARG B 59 -34.14 -19.29 3.64
C ARG B 59 -33.47 -17.94 3.43
N PRO B 60 -34.10 -16.87 3.97
CA PRO B 60 -33.41 -15.60 4.00
C PRO B 60 -32.03 -15.78 4.59
N ALA B 61 -31.04 -15.01 4.12
CA ALA B 61 -29.66 -15.30 4.46
C ALA B 61 -28.81 -14.10 4.70
N ILE B 62 -27.83 -14.29 5.60
CA ILE B 62 -26.69 -13.40 5.77
C ILE B 62 -25.48 -13.94 5.01
N TRP B 63 -24.83 -13.05 4.30
CA TRP B 63 -23.61 -13.45 3.58
C TRP B 63 -22.46 -12.63 4.14
N ILE B 64 -21.38 -13.28 4.54
CA ILE B 64 -20.21 -12.60 5.07
C ILE B 64 -18.99 -13.13 4.26
N ASP B 65 -18.15 -12.25 3.71
CA ASP B 65 -16.89 -12.68 3.14
C ASP B 65 -15.71 -11.95 3.72
N THR B 66 -14.59 -12.67 3.74
CA THR B 66 -13.33 -12.11 4.19
C THR B 66 -12.29 -12.40 3.11
N GLY B 67 -11.24 -11.62 3.10
CA GLY B 67 -10.07 -11.97 2.31
C GLY B 67 -10.15 -11.57 0.86
N ILE B 68 -11.08 -10.69 0.51
CA ILE B 68 -11.19 -10.31 -0.92
C ILE B 68 -9.88 -9.63 -1.34
N HIS B 69 -9.29 -8.85 -0.43
CA HIS B 69 -7.92 -8.41 -0.61
C HIS B 69 -6.95 -9.28 0.23
N SER B 70 -6.09 -10.00 -0.47
CA SER B 70 -5.36 -11.11 0.07
C SER B 70 -4.40 -10.76 1.22
N ARG B 71 -3.71 -9.61 1.15
CA ARG B 71 -2.80 -9.21 2.25
C ARG B 71 -3.53 -8.89 3.57
N GLU B 72 -4.85 -8.78 3.54
CA GLU B 72 -5.58 -8.33 4.73
C GLU B 72 -5.80 -9.51 5.64
N TRP B 73 -4.69 -9.95 6.21
CA TRP B 73 -4.60 -11.30 6.80
C TRP B 73 -5.52 -11.46 8.00
N VAL B 74 -5.76 -10.37 8.71
CA VAL B 74 -6.55 -10.55 9.90
C VAL B 74 -8.02 -10.93 9.57
N THR B 75 -8.44 -10.67 8.30
CA THR B 75 -9.82 -10.92 7.90
C THR B 75 -10.02 -12.40 7.69
N GLN B 76 -9.10 -13.07 6.99
CA GLN B 76 -9.25 -14.53 6.86
C GLN B 76 -9.18 -15.19 8.23
N ALA B 77 -8.31 -14.68 9.10
CA ALA B 77 -8.14 -15.33 10.38
C ALA B 77 -9.39 -15.14 11.23
N SER B 78 -10.08 -14.02 11.09
CA SER B 78 -11.29 -13.77 11.85
C SER B 78 -12.39 -14.63 11.24
N GLY B 79 -12.36 -14.82 9.92
CA GLY B 79 -13.36 -15.65 9.24
C GLY B 79 -13.32 -17.08 9.82
N VAL B 80 -12.12 -17.58 10.01
CA VAL B 80 -11.95 -18.87 10.60
C VAL B 80 -12.55 -18.94 11.99
N TRP B 81 -12.28 -17.92 12.80
CA TRP B 81 -12.81 -17.86 14.13
C TRP B 81 -14.34 -17.72 14.10
N PHE B 82 -14.90 -16.90 13.20
CA PHE B 82 -16.35 -16.80 13.07
C PHE B 82 -16.97 -18.17 12.82
N ALA B 83 -16.37 -18.96 11.97
CA ALA B 83 -16.95 -20.24 11.60
C ALA B 83 -17.05 -21.15 12.83
N LYS B 84 -16.00 -21.16 13.60
CA LYS B 84 -16.01 -21.97 14.79
C LYS B 84 -16.99 -21.39 15.82
N LYS B 85 -16.99 -20.08 15.96
CA LYS B 85 -17.87 -19.47 16.92
C LYS B 85 -19.35 -19.81 16.61
N ILE B 86 -19.72 -19.82 15.34
CA ILE B 86 -21.09 -20.20 14.97
C ILE B 86 -21.45 -21.62 15.50
N THR B 87 -20.53 -22.57 15.35
CA THR B 87 -20.79 -23.90 15.72
C THR B 87 -20.79 -24.06 17.25
N GLN B 88 -20.09 -23.19 17.96
N GLN B 88 -20.07 -23.18 17.95
CA GLN B 88 -20.10 -23.24 19.43
CA GLN B 88 -20.05 -23.18 19.42
C GLN B 88 -21.37 -22.65 20.00
C GLN B 88 -21.38 -22.68 19.95
N ASP B 89 -21.84 -21.57 19.40
CA ASP B 89 -22.99 -20.91 19.95
C ASP B 89 -24.35 -21.41 19.48
N TYR B 90 -24.44 -22.16 18.40
CA TYR B 90 -25.77 -22.56 18.03
C TYR B 90 -26.24 -23.57 19.06
N GLY B 91 -27.38 -23.26 19.69
CA GLY B 91 -27.95 -24.18 20.68
C GLY B 91 -27.35 -24.03 22.07
N GLN B 92 -26.38 -23.12 22.23
CA GLN B 92 -25.91 -22.61 23.55
C GLN B 92 -26.35 -21.20 23.84
N ASP B 93 -26.32 -20.32 22.86
CA ASP B 93 -26.61 -18.92 23.09
C ASP B 93 -27.95 -18.63 22.40
N ALA B 94 -28.93 -18.27 23.22
CA ALA B 94 -30.30 -18.22 22.74
C ALA B 94 -30.43 -17.12 21.68
N ALA B 95 -29.74 -16.01 21.91
CA ALA B 95 -29.78 -14.93 20.96
C ALA B 95 -29.26 -15.42 19.58
N PHE B 96 -28.09 -16.03 19.59
CA PHE B 96 -27.52 -16.46 18.31
C PHE B 96 -28.35 -17.61 17.66
N THR B 97 -28.80 -18.53 18.51
CA THR B 97 -29.78 -19.56 18.13
C THR B 97 -31.03 -19.02 17.43
N ALA B 98 -31.56 -17.91 17.91
CA ALA B 98 -32.72 -17.33 17.25
C ALA B 98 -32.45 -16.81 15.82
N ILE B 99 -31.27 -16.24 15.59
CA ILE B 99 -30.87 -15.85 14.22
C ILE B 99 -30.83 -17.08 13.34
N LEU B 100 -30.17 -18.12 13.82
CA LEU B 100 -29.93 -19.20 12.90
C LEU B 100 -31.18 -20.05 12.72
N ASP B 101 -32.13 -19.91 13.63
CA ASP B 101 -33.41 -20.61 13.48
C ASP B 101 -34.26 -20.06 12.36
N THR B 102 -33.99 -18.82 11.97
CA THR B 102 -34.73 -18.20 10.86
C THR B 102 -33.87 -17.94 9.62
N LEU B 103 -32.63 -17.46 9.80
CA LEU B 103 -31.73 -17.12 8.68
C LEU B 103 -30.66 -18.19 8.47
N ASP B 104 -30.21 -18.35 7.23
CA ASP B 104 -29.00 -19.07 6.92
C ASP B 104 -27.81 -18.09 6.96
N ILE B 105 -26.60 -18.63 7.20
CA ILE B 105 -25.41 -17.80 7.10
C ILE B 105 -24.45 -18.44 6.10
N PHE B 106 -23.91 -17.62 5.23
CA PHE B 106 -22.92 -18.05 4.24
C PHE B 106 -21.65 -17.30 4.54
N LEU B 107 -20.56 -18.03 4.58
CA LEU B 107 -19.40 -17.36 4.98
C LEU B 107 -18.33 -17.78 4.04
N GLU B 108 -17.78 -16.79 3.35
CA GLU B 108 -16.68 -17.08 2.47
C GLU B 108 -15.37 -16.60 3.09
N ILE B 109 -14.61 -17.56 3.57
CA ILE B 109 -13.45 -17.20 4.30
C ILE B 109 -12.27 -16.64 3.44
N VAL B 110 -11.97 -17.30 2.34
CA VAL B 110 -10.87 -16.90 1.50
C VAL B 110 -11.48 -16.56 0.17
N THR B 111 -11.82 -15.32 0.02
CA THR B 111 -12.52 -14.86 -1.15
C THR B 111 -11.59 -14.67 -2.38
N ASN B 112 -10.29 -14.52 -2.13
CA ASN B 112 -9.25 -14.39 -3.18
C ASN B 112 -8.16 -15.44 -2.89
N PRO B 113 -8.44 -16.73 -3.19
CA PRO B 113 -7.41 -17.75 -2.92
C PRO B 113 -6.10 -17.60 -3.67
N ASP B 114 -6.12 -17.21 -4.94
CA ASP B 114 -4.83 -17.08 -5.67
C ASP B 114 -4.00 -16.02 -5.02
N GLY B 115 -4.59 -14.86 -4.74
CA GLY B 115 -3.85 -13.81 -4.08
C GLY B 115 -3.34 -14.27 -2.72
N PHE B 116 -4.20 -14.94 -1.99
CA PHE B 116 -3.81 -15.38 -0.65
C PHE B 116 -2.59 -16.27 -0.67
N ALA B 117 -2.61 -17.29 -1.54
CA ALA B 117 -1.42 -18.17 -1.72
C ALA B 117 -0.17 -17.35 -2.12
N PHE B 118 -0.39 -16.32 -2.95
CA PHE B 118 0.71 -15.48 -3.38
C PHE B 118 1.31 -14.75 -2.20
N THR B 119 0.51 -14.37 -1.21
CA THR B 119 1.02 -13.59 -0.08
C THR B 119 1.86 -14.45 0.86
N HIS B 120 1.65 -15.76 0.77
CA HIS B 120 2.42 -16.74 1.55
C HIS B 120 3.73 -17.17 0.85
N SER B 121 3.66 -17.28 -0.47
CA SER B 121 4.78 -17.79 -1.25
C SER B 121 5.73 -16.69 -1.71
N THR B 122 5.23 -15.50 -2.02
CA THR B 122 6.02 -14.58 -2.82
C THR B 122 5.98 -13.14 -2.34
N ASN B 123 4.81 -12.63 -2.00
CA ASN B 123 4.71 -11.24 -1.69
C ASN B 123 3.59 -11.00 -0.70
N ARG B 124 4.01 -10.82 0.55
CA ARG B 124 3.14 -10.58 1.69
C ARG B 124 2.11 -9.49 1.42
N MET B 125 2.47 -8.54 0.56
CA MET B 125 1.68 -7.35 0.32
C MET B 125 0.77 -7.48 -0.92
N TRP B 126 0.68 -8.65 -1.54
CA TRP B 126 -0.24 -8.75 -2.71
C TRP B 126 -1.74 -8.45 -2.37
N ARG B 127 -2.38 -7.68 -3.22
CA ARG B 127 -3.76 -7.24 -3.01
C ARG B 127 -4.78 -7.85 -4.00
N LYS B 128 -4.37 -7.96 -5.25
CA LYS B 128 -5.28 -8.20 -6.33
C LYS B 128 -5.48 -9.69 -6.57
N THR B 129 -6.26 -10.05 -7.59
CA THR B 129 -6.31 -11.40 -8.05
C THR B 129 -5.01 -11.66 -8.80
N ARG B 130 -4.88 -12.82 -9.43
CA ARG B 130 -3.67 -13.21 -10.17
C ARG B 130 -3.94 -13.47 -11.64
N SER B 131 -4.97 -12.87 -12.19
CA SER B 131 -5.23 -13.02 -13.62
C SER B 131 -4.22 -12.24 -14.48
N HIS B 132 -3.94 -12.78 -15.66
CA HIS B 132 -3.20 -12.04 -16.70
C HIS B 132 -4.18 -11.20 -17.52
N THR B 133 -3.62 -10.12 -18.03
CA THR B 133 -4.35 -9.11 -18.75
C THR B 133 -3.68 -8.95 -20.15
N ALA B 134 -4.47 -9.18 -21.22
CA ALA B 134 -3.94 -9.09 -22.60
C ALA B 134 -3.37 -7.68 -22.83
N GLY B 135 -2.14 -7.63 -23.37
CA GLY B 135 -1.48 -6.34 -23.68
C GLY B 135 -0.78 -5.71 -22.49
N SER B 136 -0.63 -6.48 -21.43
CA SER B 136 0.10 -5.98 -20.27
C SER B 136 0.97 -7.07 -19.72
N LEU B 137 2.03 -6.66 -19.04
CA LEU B 137 2.82 -7.65 -18.35
C LEU B 137 2.42 -7.64 -16.86
N CYS B 138 1.65 -6.64 -16.44
CA CYS B 138 1.23 -6.58 -15.03
C CYS B 138 0.14 -7.61 -14.73
N ILE B 139 0.09 -8.11 -13.51
CA ILE B 139 -0.83 -9.16 -13.14
C ILE B 139 -1.90 -8.68 -12.18
N GLY B 140 -3.14 -9.06 -12.44
CA GLY B 140 -4.16 -8.99 -11.43
C GLY B 140 -5.08 -7.79 -11.50
N VAL B 141 -6.28 -8.01 -10.99
CA VAL B 141 -7.31 -7.00 -11.00
C VAL B 141 -7.72 -6.80 -9.54
N ASP B 142 -8.08 -5.58 -9.20
CA ASP B 142 -8.54 -5.29 -7.87
C ASP B 142 -9.96 -5.88 -7.80
N PRO B 143 -10.17 -6.96 -7.00
CA PRO B 143 -11.54 -7.50 -6.98
C PRO B 143 -12.54 -6.56 -6.34
N ASN B 144 -12.08 -5.54 -5.60
CA ASN B 144 -13.03 -4.53 -5.05
C ASN B 144 -13.27 -3.30 -5.95
N ARG B 145 -12.97 -3.45 -7.24
CA ARG B 145 -13.30 -2.44 -8.25
C ARG B 145 -13.89 -3.11 -9.51
N ASN B 146 -14.13 -4.42 -9.44
CA ASN B 146 -14.53 -5.18 -10.60
C ASN B 146 -16.04 -5.42 -10.63
N TRP B 147 -16.80 -4.89 -9.68
CA TRP B 147 -18.27 -5.13 -9.67
C TRP B 147 -19.02 -4.17 -10.58
N ASP B 148 -20.26 -4.50 -10.88
CA ASP B 148 -21.07 -3.75 -11.83
C ASP B 148 -21.89 -2.66 -11.17
N ALA B 149 -21.24 -1.69 -10.56
CA ALA B 149 -21.94 -0.55 -10.01
C ALA B 149 -20.94 0.60 -10.07
N GLY B 150 -21.24 1.54 -10.94
CA GLY B 150 -20.32 2.56 -11.25
C GLY B 150 -19.04 2.04 -11.82
N PHE B 151 -19.08 0.84 -12.41
CA PHE B 151 -17.90 0.22 -12.93
C PHE B 151 -17.09 1.13 -13.89
N GLY B 152 -15.77 1.23 -13.70
CA GLY B 152 -14.93 2.03 -14.58
C GLY B 152 -15.02 3.54 -14.40
N LEU B 153 -15.86 4.02 -13.47
CA LEU B 153 -15.98 5.46 -13.27
C LEU B 153 -14.92 5.84 -12.29
N SER B 154 -14.84 7.13 -11.92
CA SER B 154 -13.76 7.63 -11.05
C SER B 154 -13.73 6.82 -9.77
N GLY B 155 -12.55 6.75 -9.15
CA GLY B 155 -12.30 5.85 -8.02
C GLY B 155 -11.82 4.44 -8.38
N ALA B 156 -11.37 4.27 -9.60
CA ALA B 156 -10.67 3.03 -9.94
C ALA B 156 -9.69 3.40 -11.06
N SER B 157 -8.74 2.52 -11.36
CA SER B 157 -7.81 2.84 -12.40
C SER B 157 -8.00 1.94 -13.60
N SER B 158 -7.63 2.44 -14.76
CA SER B 158 -7.69 1.64 -15.98
C SER B 158 -6.28 1.23 -16.36
N ASN B 159 -5.34 1.51 -15.50
CA ASN B 159 -3.98 1.09 -15.72
C ASN B 159 -3.79 -0.29 -15.08
N PRO B 160 -3.44 -1.32 -15.89
CA PRO B 160 -3.35 -2.69 -15.39
C PRO B 160 -2.32 -2.87 -14.28
N CYS B 161 -1.29 -2.02 -14.26
CA CYS B 161 -0.31 -2.02 -13.19
C CYS B 161 -0.78 -1.44 -11.89
N SER B 162 -1.89 -0.72 -11.90
CA SER B 162 -2.32 -0.08 -10.67
C SER B 162 -2.92 -1.09 -9.68
N GLU B 163 -2.71 -0.83 -8.39
N GLU B 163 -2.68 -0.81 -8.39
CA GLU B 163 -3.38 -1.59 -7.32
CA GLU B 163 -3.38 -1.42 -7.23
C GLU B 163 -4.92 -1.51 -7.32
C GLU B 163 -4.91 -1.53 -7.38
N THR B 164 -5.50 -0.52 -8.00
CA THR B 164 -6.93 -0.41 -8.09
C THR B 164 -7.47 -0.59 -9.50
N TYR B 165 -6.67 -1.25 -10.33
CA TYR B 165 -7.08 -1.51 -11.70
C TYR B 165 -8.42 -2.23 -11.69
N HIS B 166 -9.41 -1.76 -12.49
CA HIS B 166 -10.77 -2.34 -12.48
C HIS B 166 -11.00 -3.60 -13.32
N GLY B 167 -10.00 -4.03 -14.08
CA GLY B 167 -10.25 -5.10 -15.07
C GLY B 167 -10.89 -4.59 -16.38
N LYS B 168 -10.92 -5.45 -17.40
CA LYS B 168 -11.47 -5.04 -18.72
C LYS B 168 -12.95 -4.74 -18.70
N PHE B 169 -13.71 -5.54 -17.95
CA PHE B 169 -15.14 -5.35 -17.84
C PHE B 169 -15.61 -5.84 -16.46
N ALA B 170 -16.77 -5.38 -16.05
CA ALA B 170 -17.36 -5.77 -14.81
C ALA B 170 -17.54 -7.27 -14.73
N ASN B 171 -17.03 -7.89 -13.67
CA ASN B 171 -17.22 -9.33 -13.37
C ASN B 171 -16.27 -10.11 -14.22
N SER B 172 -15.24 -9.45 -14.76
CA SER B 172 -14.22 -10.22 -15.48
C SER B 172 -13.49 -11.20 -14.57
N GLU B 173 -13.50 -10.96 -13.27
CA GLU B 173 -12.72 -11.83 -12.40
C GLU B 173 -13.65 -12.93 -11.94
N VAL B 174 -13.22 -14.17 -12.14
CA VAL B 174 -14.07 -15.30 -11.84
C VAL B 174 -14.38 -15.31 -10.32
N GLU B 175 -13.44 -14.84 -9.49
CA GLU B 175 -13.69 -14.79 -8.05
C GLU B 175 -14.90 -13.88 -7.75
N VAL B 176 -15.10 -12.83 -8.54
CA VAL B 176 -16.24 -11.92 -8.43
C VAL B 176 -17.46 -12.54 -9.07
N LYS B 177 -17.31 -12.99 -10.30
CA LYS B 177 -18.40 -13.59 -11.05
C LYS B 177 -19.03 -14.75 -10.28
N SER B 178 -18.20 -15.51 -9.56
CA SER B 178 -18.72 -16.64 -8.86
C SER B 178 -19.67 -16.22 -7.77
N ILE B 179 -19.38 -15.10 -7.10
CA ILE B 179 -20.27 -14.62 -6.02
C ILE B 179 -21.58 -14.05 -6.58
N VAL B 180 -21.43 -13.19 -7.61
CA VAL B 180 -22.57 -12.63 -8.35
C VAL B 180 -23.56 -13.75 -8.71
N ASP B 181 -23.06 -14.82 -9.32
CA ASP B 181 -23.96 -15.87 -9.75
C ASP B 181 -24.59 -16.52 -8.53
N PHE B 182 -23.83 -16.67 -7.44
CA PHE B 182 -24.38 -17.38 -6.31
C PHE B 182 -25.50 -16.54 -5.68
N VAL B 183 -25.23 -15.23 -5.53
CA VAL B 183 -26.20 -14.29 -5.02
C VAL B 183 -27.49 -14.24 -5.86
N LYS B 184 -27.33 -14.10 -7.17
CA LYS B 184 -28.47 -13.98 -8.07
C LYS B 184 -29.29 -15.29 -8.17
N ASP B 185 -28.65 -16.46 -8.19
CA ASP B 185 -29.39 -17.72 -8.17
C ASP B 185 -30.06 -17.97 -6.82
N HIS B 186 -29.44 -17.55 -5.73
CA HIS B 186 -30.04 -17.72 -4.40
C HIS B 186 -31.32 -16.85 -4.28
N GLY B 187 -31.16 -15.57 -4.57
CA GLY B 187 -32.26 -14.63 -4.65
C GLY B 187 -32.94 -14.13 -3.37
N ASN B 188 -32.50 -14.64 -2.22
CA ASN B 188 -33.04 -14.27 -0.92
C ASN B 188 -31.97 -13.87 0.09
N ILE B 189 -30.95 -13.14 -0.36
CA ILE B 189 -29.92 -12.59 0.51
C ILE B 189 -30.37 -11.23 1.02
N LYS B 190 -30.37 -11.15 2.36
CA LYS B 190 -30.92 -10.03 3.09
C LYS B 190 -29.84 -9.18 3.65
N ALA B 191 -28.63 -9.71 3.89
CA ALA B 191 -27.51 -8.89 4.39
C ALA B 191 -26.24 -9.35 3.76
N PHE B 192 -25.39 -8.41 3.42
CA PHE B 192 -24.21 -8.79 2.76
C PHE B 192 -23.08 -8.02 3.35
N ILE B 193 -22.09 -8.72 3.95
CA ILE B 193 -21.07 -8.02 4.74
C ILE B 193 -19.69 -8.38 4.27
N SER B 194 -18.97 -7.40 3.73
CA SER B 194 -17.64 -7.59 3.18
C SER B 194 -16.59 -7.10 4.15
N ILE B 195 -15.70 -7.97 4.58
CA ILE B 195 -14.71 -7.56 5.55
C ILE B 195 -13.30 -7.37 4.96
N HIS B 196 -12.75 -6.20 5.24
CA HIS B 196 -11.42 -5.79 4.88
C HIS B 196 -10.65 -5.37 6.15
N SER B 197 -9.38 -5.03 5.97
CA SER B 197 -8.65 -4.27 6.97
C SER B 197 -7.64 -3.36 6.22
N TYR B 198 -7.06 -2.35 6.84
CA TYR B 198 -7.31 -1.93 8.23
C TYR B 198 -7.93 -0.54 8.10
N SER B 199 -8.28 0.02 9.26
CA SER B 199 -8.64 1.42 9.47
C SER B 199 -9.66 1.58 10.57
N GLN B 200 -10.26 0.50 11.08
CA GLN B 200 -11.36 0.62 12.05
C GLN B 200 -12.56 1.47 11.59
N LEU B 201 -13.27 0.98 10.55
CA LEU B 201 -14.43 1.66 9.96
C LEU B 201 -15.56 0.68 9.74
N LEU B 202 -16.80 1.15 9.79
CA LEU B 202 -17.94 0.37 9.32
C LEU B 202 -18.63 1.26 8.34
N MET B 203 -18.80 0.79 7.11
CA MET B 203 -19.28 1.63 6.08
C MET B 203 -20.51 1.05 5.34
N TYR B 204 -21.32 1.91 4.75
CA TYR B 204 -22.41 1.46 3.93
C TYR B 204 -22.30 2.23 2.63
N PRO B 205 -23.16 1.94 1.64
CA PRO B 205 -22.94 2.58 0.29
C PRO B 205 -23.28 4.06 0.29
N TYR B 206 -22.82 4.85 -0.67
CA TYR B 206 -22.13 4.44 -1.89
C TYR B 206 -20.69 4.85 -1.78
N GLY B 207 -19.85 4.11 -2.48
CA GLY B 207 -18.47 4.48 -2.70
C GLY B 207 -18.30 5.28 -3.99
N TYR B 208 -19.08 4.96 -5.03
CA TYR B 208 -18.87 5.56 -6.36
C TYR B 208 -19.47 6.91 -6.59
N LYS B 209 -20.35 7.35 -5.68
CA LYS B 209 -21.02 8.64 -5.81
C LYS B 209 -21.44 9.21 -4.47
N THR B 210 -21.60 10.51 -4.44
CA THR B 210 -21.84 11.31 -3.21
C THR B 210 -23.32 11.34 -2.80
N GLU B 211 -24.22 11.11 -3.74
CA GLU B 211 -25.61 10.99 -3.40
C GLU B 211 -25.84 9.92 -2.28
N PRO B 212 -26.61 10.26 -1.23
CA PRO B 212 -26.84 9.21 -0.24
C PRO B 212 -27.82 8.14 -0.69
N VAL B 213 -27.61 6.97 -0.16
CA VAL B 213 -28.49 5.84 -0.41
C VAL B 213 -29.83 6.16 0.30
N PRO B 214 -30.99 5.70 -0.26
CA PRO B 214 -32.26 6.14 0.35
C PRO B 214 -32.44 5.61 1.77
N ASP B 215 -31.73 4.51 2.06
CA ASP B 215 -31.84 3.85 3.35
C ASP B 215 -30.83 4.33 4.37
N GLN B 216 -30.23 5.49 4.09
CA GLN B 216 -29.07 5.92 4.85
C GLN B 216 -29.35 6.18 6.33
N ASP B 217 -30.50 6.77 6.64
CA ASP B 217 -30.87 7.00 8.04
C ASP B 217 -30.87 5.70 8.83
N GLU B 218 -31.51 4.68 8.32
CA GLU B 218 -31.57 3.40 9.02
C GLU B 218 -30.13 2.73 9.04
N LEU B 219 -29.39 2.81 7.93
CA LEU B 219 -28.02 2.19 7.89
C LEU B 219 -27.08 2.85 8.88
N ASP B 220 -27.24 4.16 9.05
CA ASP B 220 -26.37 4.94 9.96
C ASP B 220 -26.67 4.67 11.40
N GLN B 221 -27.93 4.62 11.71
CA GLN B 221 -28.34 4.17 13.03
C GLN B 221 -27.87 2.74 13.36
N LEU B 222 -27.95 1.85 12.39
CA LEU B 222 -27.52 0.47 12.58
C LEU B 222 -26.00 0.47 12.81
N SER B 223 -25.30 1.32 12.08
CA SER B 223 -23.84 1.38 12.15
C SER B 223 -23.45 1.86 13.51
N LYS B 224 -24.16 2.89 14.01
CA LYS B 224 -23.93 3.39 15.36
C LYS B 224 -24.05 2.27 16.42
N ALA B 225 -25.16 1.54 16.39
CA ALA B 225 -25.40 0.45 17.31
C ALA B 225 -24.31 -0.65 17.20
N ALA B 226 -23.94 -1.00 15.98
CA ALA B 226 -22.94 -2.03 15.71
C ALA B 226 -21.57 -1.62 16.26
N VAL B 227 -21.13 -0.38 16.06
CA VAL B 227 -19.83 0.02 16.57
C VAL B 227 -19.87 0.22 18.09
N THR B 228 -21.04 0.51 18.62
CA THR B 228 -21.13 0.57 20.07
C THR B 228 -20.92 -0.83 20.62
N ALA B 229 -21.64 -1.83 20.09
CA ALA B 229 -21.43 -3.20 20.54
C ALA B 229 -19.94 -3.64 20.32
N LEU B 230 -19.35 -3.26 19.19
CA LEU B 230 -17.95 -3.63 18.90
C LEU B 230 -17.05 -3.07 20.02
N ALA B 231 -17.24 -1.81 20.37
CA ALA B 231 -16.44 -1.14 21.40
C ALA B 231 -16.64 -1.73 22.81
N SER B 232 -17.76 -2.41 23.09
CA SER B 232 -18.06 -2.77 24.47
C SER B 232 -17.02 -3.72 25.02
N LEU B 233 -16.31 -4.42 24.13
CA LEU B 233 -15.36 -5.43 24.57
C LEU B 233 -13.99 -4.86 25.03
N TYR B 234 -13.28 -4.12 24.16
CA TYR B 234 -11.96 -3.60 24.53
C TYR B 234 -11.86 -2.10 24.39
N GLY B 235 -12.98 -1.48 24.07
CA GLY B 235 -13.00 -0.06 23.78
C GLY B 235 -12.49 0.36 22.41
N THR B 236 -12.29 -0.59 21.50
CA THR B 236 -11.85 -0.24 20.16
C THR B 236 -12.81 0.75 19.48
N LYS B 237 -12.25 1.79 18.90
CA LYS B 237 -13.11 2.84 18.28
C LYS B 237 -13.15 2.76 16.74
N PHE B 238 -14.37 2.65 16.21
CA PHE B 238 -14.61 2.57 14.81
C PHE B 238 -15.43 3.78 14.42
N ASN B 239 -15.06 4.43 13.34
CA ASN B 239 -15.94 5.37 12.68
C ASN B 239 -16.82 4.69 11.67
N TYR B 240 -17.78 5.44 11.13
CA TYR B 240 -18.75 4.83 10.25
C TYR B 240 -19.33 5.92 9.35
N GLY B 241 -19.93 5.49 8.23
CA GLY B 241 -20.58 6.38 7.29
C GLY B 241 -20.51 5.71 5.93
N SER B 242 -20.92 6.46 4.90
CA SER B 242 -20.86 5.93 3.56
C SER B 242 -19.39 5.78 3.17
N ILE B 243 -19.13 4.87 2.25
CA ILE B 243 -17.75 4.65 1.81
C ILE B 243 -17.11 5.95 1.30
N ILE B 244 -17.86 6.67 0.48
CA ILE B 244 -17.30 7.91 -0.09
C ILE B 244 -16.96 8.97 1.00
N LYS B 245 -17.73 9.07 2.09
CA LYS B 245 -17.38 10.07 3.15
C LYS B 245 -16.34 9.55 4.14
N ALA B 246 -16.35 8.26 4.42
CA ALA B 246 -15.50 7.77 5.47
C ALA B 246 -14.07 7.54 4.93
N ILE B 247 -13.93 7.27 3.64
CA ILE B 247 -12.61 6.90 3.17
C ILE B 247 -12.23 7.59 1.88
N TYR B 248 -12.83 7.21 0.75
CA TYR B 248 -12.66 7.97 -0.50
C TYR B 248 -13.58 7.37 -1.53
N GLN B 249 -13.72 8.05 -2.67
CA GLN B 249 -14.49 7.55 -3.78
C GLN B 249 -13.83 6.27 -4.29
N ALA B 250 -14.67 5.30 -4.60
CA ALA B 250 -14.23 4.03 -5.14
C ALA B 250 -15.43 3.43 -5.90
N SER B 251 -15.20 3.04 -7.14
CA SER B 251 -16.21 2.56 -8.10
C SER B 251 -16.07 1.07 -8.35
N GLY B 252 -17.17 0.43 -8.75
CA GLY B 252 -17.17 -1.00 -8.91
C GLY B 252 -16.92 -1.82 -7.63
N SER B 253 -17.31 -1.27 -6.48
CA SER B 253 -17.06 -2.01 -5.24
C SER B 253 -18.24 -2.88 -4.86
N THR B 254 -17.95 -3.95 -4.10
CA THR B 254 -18.86 -5.01 -3.72
C THR B 254 -20.20 -4.49 -3.19
N ILE B 255 -20.19 -3.61 -2.20
CA ILE B 255 -21.47 -3.36 -1.57
C ILE B 255 -22.32 -2.37 -2.33
N ASP B 256 -21.68 -1.53 -3.13
CA ASP B 256 -22.44 -0.70 -4.11
C ASP B 256 -23.24 -1.66 -4.98
N TRP B 257 -22.65 -2.76 -5.43
CA TRP B 257 -23.42 -3.65 -6.32
C TRP B 257 -24.50 -4.42 -5.55
N THR B 258 -24.16 -4.97 -4.38
CA THR B 258 -25.15 -5.73 -3.59
C THR B 258 -26.29 -4.80 -3.20
N TYR B 259 -25.99 -3.61 -2.71
CA TYR B 259 -27.09 -2.69 -2.45
C TYR B 259 -27.98 -2.46 -3.69
N SER B 260 -27.38 -2.39 -4.89
CA SER B 260 -28.17 -2.03 -6.07
C SER B 260 -29.07 -3.20 -6.44
N GLN B 261 -28.70 -4.40 -6.03
CA GLN B 261 -29.56 -5.57 -6.23
C GLN B 261 -30.69 -5.68 -5.24
N GLY B 262 -30.82 -4.70 -4.33
CA GLY B 262 -31.92 -4.75 -3.39
C GLY B 262 -31.54 -5.38 -2.06
N ILE B 263 -30.23 -5.54 -1.80
CA ILE B 263 -29.78 -6.05 -0.48
C ILE B 263 -29.52 -4.87 0.39
N LYS B 264 -30.46 -4.67 1.30
CA LYS B 264 -30.49 -3.38 1.98
C LYS B 264 -29.31 -3.29 2.91
N TYR B 265 -29.08 -4.37 3.61
CA TYR B 265 -28.08 -4.35 4.69
C TYR B 265 -26.74 -4.76 4.12
N SER B 266 -26.15 -3.84 3.36
CA SER B 266 -24.87 -4.06 2.72
C SER B 266 -23.84 -3.23 3.45
N PHE B 267 -22.87 -3.91 4.03
CA PHE B 267 -21.86 -3.24 4.83
C PHE B 267 -20.49 -3.73 4.48
N THR B 268 -19.54 -2.82 4.63
CA THR B 268 -18.16 -3.24 4.61
C THR B 268 -17.42 -2.79 5.87
N PHE B 269 -16.78 -3.73 6.60
CA PHE B 269 -15.90 -3.40 7.69
C PHE B 269 -14.42 -3.17 7.29
N GLU B 270 -13.72 -2.36 8.07
CA GLU B 270 -12.27 -2.28 8.07
C GLU B 270 -11.83 -2.58 9.49
N LEU B 271 -11.17 -3.71 9.66
CA LEU B 271 -10.83 -4.15 11.02
C LEU B 271 -9.60 -3.39 11.57
N ARG B 272 -9.08 -3.78 12.73
CA ARG B 272 -7.83 -3.23 13.28
C ARG B 272 -6.64 -3.25 12.29
N ASP B 273 -5.65 -2.34 12.44
CA ASP B 273 -5.70 -1.34 13.48
C ASP B 273 -5.90 -0.02 12.75
N THR B 274 -5.25 1.08 13.16
CA THR B 274 -5.44 2.31 12.42
C THR B 274 -4.11 2.69 11.81
N GLY B 275 -3.15 1.78 11.77
CA GLY B 275 -1.94 2.06 10.98
C GLY B 275 -0.61 1.73 11.62
N ARG B 276 -0.54 1.63 12.95
CA ARG B 276 0.73 1.20 13.55
C ARG B 276 1.23 -0.10 12.87
N TYR B 277 0.38 -1.09 12.74
CA TYR B 277 0.80 -2.33 12.10
C TYR B 277 0.24 -2.46 10.71
N GLY B 278 -0.87 -1.79 10.49
CA GLY B 278 -1.59 -1.85 9.21
C GLY B 278 -2.00 -3.29 8.87
N PHE B 279 -1.58 -3.77 7.69
CA PHE B 279 -1.93 -5.14 7.24
C PHE B 279 -1.14 -6.18 7.99
N LEU B 280 -0.05 -5.75 8.62
CA LEU B 280 0.84 -6.66 9.38
C LEU B 280 0.43 -6.81 10.86
N LEU B 281 -0.86 -6.84 11.16
CA LEU B 281 -1.31 -6.92 12.53
C LEU B 281 -0.75 -8.19 13.16
N PRO B 282 -0.25 -8.10 14.39
CA PRO B 282 0.32 -9.27 15.08
C PRO B 282 -0.73 -10.31 15.35
N ALA B 283 -0.31 -11.57 15.27
CA ALA B 283 -1.14 -12.72 15.57
C ALA B 283 -1.84 -12.60 16.90
N SER B 284 -1.20 -12.01 17.90
CA SER B 284 -1.84 -11.88 19.22
C SER B 284 -3.10 -10.94 19.18
N GLN B 285 -3.31 -10.24 18.08
CA GLN B 285 -4.52 -9.45 17.95
C GLN B 285 -5.64 -10.11 17.21
N ILE B 286 -5.43 -11.31 16.67
CA ILE B 286 -6.43 -11.96 15.84
C ILE B 286 -7.70 -12.26 16.61
N ILE B 287 -7.57 -12.92 17.78
CA ILE B 287 -8.74 -13.30 18.56
C ILE B 287 -9.50 -12.05 19.11
N PRO B 288 -8.76 -11.09 19.72
CA PRO B 288 -9.53 -9.90 20.14
C PRO B 288 -10.22 -9.20 18.94
N THR B 289 -9.53 -9.10 17.80
CA THR B 289 -10.16 -8.52 16.63
C THR B 289 -11.45 -9.28 16.28
N ALA B 290 -11.37 -10.61 16.24
CA ALA B 290 -12.49 -11.42 15.81
C ALA B 290 -13.68 -11.31 16.77
N LYS B 291 -13.36 -11.34 18.07
CA LYS B 291 -14.39 -11.30 19.12
C LYS B 291 -15.16 -10.01 19.09
N GLU B 292 -14.44 -8.89 18.91
CA GLU B 292 -15.14 -7.60 18.91
C GLU B 292 -15.96 -7.42 17.61
N THR B 293 -15.45 -7.97 16.51
CA THR B 293 -16.11 -7.81 15.23
C THR B 293 -17.37 -8.66 15.25
N TRP B 294 -17.31 -9.79 15.95
CA TRP B 294 -18.43 -10.65 16.09
C TRP B 294 -19.60 -9.90 16.72
N LEU B 295 -19.34 -9.02 17.68
CA LEU B 295 -20.44 -8.33 18.37
C LEU B 295 -21.13 -7.38 17.42
N ALA B 296 -20.32 -6.70 16.60
CA ALA B 296 -20.89 -5.85 15.55
C ALA B 296 -21.68 -6.66 14.50
N LEU B 297 -21.18 -7.83 14.15
CA LEU B 297 -21.89 -8.67 13.21
C LEU B 297 -23.20 -9.15 13.80
N LEU B 298 -23.20 -9.46 15.11
CA LEU B 298 -24.45 -9.91 15.76
C LEU B 298 -25.50 -8.84 15.72
N THR B 299 -25.08 -7.58 15.84
CA THR B 299 -26.01 -6.44 15.80
C THR B 299 -26.65 -6.36 14.46
N ILE B 300 -25.85 -6.49 13.41
CA ILE B 300 -26.38 -6.41 12.08
C ILE B 300 -27.32 -7.59 11.79
N MET B 301 -26.96 -8.79 12.22
CA MET B 301 -27.80 -9.96 11.97
C MET B 301 -29.13 -9.90 12.71
N GLU B 302 -29.10 -9.53 14.00
CA GLU B 302 -30.34 -9.39 14.73
C GLU B 302 -31.24 -8.33 14.10
N HIS B 303 -30.65 -7.24 13.60
CA HIS B 303 -31.42 -6.20 13.00
C HIS B 303 -32.07 -6.77 11.75
N THR B 304 -31.34 -7.56 10.98
CA THR B 304 -31.89 -8.21 9.80
C THR B 304 -33.01 -9.20 10.12
N LEU B 305 -32.84 -9.96 11.19
CA LEU B 305 -33.85 -10.90 11.70
C LEU B 305 -35.14 -10.14 12.02
N ASN B 306 -34.98 -8.99 12.64
CA ASN B 306 -36.12 -8.32 13.18
C ASN B 306 -36.80 -7.42 12.19
N HIS B 307 -36.23 -7.26 10.99
CA HIS B 307 -36.77 -6.36 9.94
C HIS B 307 -36.93 -7.05 8.58
N PRO B 308 -37.82 -8.06 8.49
CA PRO B 308 -37.84 -8.95 7.32
C PRO B 308 -38.40 -8.30 6.04
#